data_4MFJ
#
_entry.id   4MFJ
#
_cell.length_a   105.5
_cell.length_b   105.5
_cell.length_c   133.9
_cell.angle_alpha   90.00
_cell.angle_beta   90.00
_cell.angle_gamma   120.00
#
_symmetry.space_group_name_H-M   'P 62'
#
loop_
_entity.id
_entity.type
_entity.pdbx_description
1 polymer 'Putative uncharacterized protein tcp24'
2 water water
#
_entity_poly.entity_id   1
_entity_poly.type   'polypeptide(L)'
_entity_poly.pdbx_seq_one_letter_code
;MGSSHHHHHHSSGLVPRGSHMMMDPETVRIALGLEERTAAWLTELDELGPPAEPVRLPRGEEARDLLRRLEVPELDAEEI
VAAAPDPDRDPALWWLLERTHHAIVRHMGDHRAKPRGGPPLPYEGGAAARYFHVYVFLATVPAVRRFHAERGIPDEVGWE
TLTQLGELVAIHRRKYGQGGMNMQWWTTYHLRGILYRLGRLQFSLATGKDGTPHLGLHVPEWGGPLLPKAYDESLHRARP
FFDRHFPEHGARVAWGSSWMLDPQLEEYLTEDSNIIQLARFWTLTDSAPEPGNADGDSSILEFVFRYNGQPLDELPQRSS
LERAVIAHLKAGRHWHMRTGFVKLP
;
_entity_poly.pdbx_strand_id   A
#
# COMPACT_ATOMS: atom_id res chain seq x y z
N GLY A 18 -29.75 3.03 -35.52
CA GLY A 18 -28.97 2.34 -34.44
C GLY A 18 -29.01 3.06 -33.09
N SER A 19 -28.91 2.30 -32.00
CA SER A 19 -29.07 2.86 -30.64
C SER A 19 -27.80 2.79 -29.73
N HIS A 20 -26.89 1.88 -30.06
CA HIS A 20 -25.62 1.67 -29.36
C HIS A 20 -24.80 2.93 -29.23
N MET A 21 -24.14 3.08 -28.09
CA MET A 21 -23.13 4.13 -27.91
C MET A 21 -21.78 3.48 -27.64
N MET A 22 -20.75 3.94 -28.34
CA MET A 22 -19.40 3.49 -28.06
C MET A 22 -18.95 4.07 -26.74
N MET A 23 -18.13 3.30 -26.00
CA MET A 23 -17.62 3.73 -24.71
C MET A 23 -16.58 4.85 -24.87
N ASP A 24 -16.84 6.00 -24.23
CA ASP A 24 -15.88 7.10 -24.16
C ASP A 24 -15.86 7.78 -22.76
N PRO A 25 -14.88 8.69 -22.51
CA PRO A 25 -14.80 9.51 -21.31
C PRO A 25 -16.14 9.84 -20.65
N GLU A 26 -17.05 10.46 -21.39
CA GLU A 26 -18.33 10.86 -20.80
C GLU A 26 -19.27 9.69 -20.55
N THR A 27 -19.34 8.76 -21.50
CA THR A 27 -20.22 7.61 -21.30
C THR A 27 -19.80 6.87 -20.03
N VAL A 28 -18.53 6.45 -19.98
CA VAL A 28 -17.95 5.79 -18.82
C VAL A 28 -18.21 6.55 -17.52
N ARG A 29 -17.92 7.85 -17.55
CA ARG A 29 -18.12 8.68 -16.38
C ARG A 29 -19.57 8.68 -15.91
N ILE A 30 -20.52 8.57 -16.84
CA ILE A 30 -21.92 8.55 -16.43
C ILE A 30 -22.42 7.13 -16.09
N ALA A 31 -22.03 6.16 -16.89
CA ALA A 31 -22.33 4.77 -16.62
C ALA A 31 -22.05 4.39 -15.15
N LEU A 32 -20.81 4.61 -14.71
CA LEU A 32 -20.41 4.44 -13.29
C LEU A 32 -20.62 5.81 -12.70
N GLY A 33 -21.08 5.90 -11.46
CA GLY A 33 -21.64 7.20 -11.02
C GLY A 33 -20.64 8.30 -10.71
N LEU A 34 -19.72 8.55 -11.64
CA LEU A 34 -18.52 9.34 -11.33
C LEU A 34 -18.74 10.84 -11.34
N GLU A 35 -18.17 11.48 -10.33
CA GLU A 35 -18.28 12.90 -10.10
C GLU A 35 -17.70 13.74 -11.24
N GLU A 36 -18.08 15.01 -11.27
CA GLU A 36 -17.61 15.92 -12.31
C GLU A 36 -16.09 15.93 -12.42
N ARG A 37 -15.42 16.07 -11.27
CA ARG A 37 -13.95 16.22 -11.17
C ARG A 37 -13.13 15.18 -11.94
N THR A 38 -13.60 13.94 -11.94
CA THR A 38 -12.91 12.81 -12.60
C THR A 38 -12.69 13.00 -14.11
N ALA A 39 -13.39 13.98 -14.69
CA ALA A 39 -13.40 14.21 -16.13
C ALA A 39 -12.00 14.24 -16.72
N ALA A 40 -11.15 15.12 -16.16
CA ALA A 40 -9.76 15.27 -16.58
C ALA A 40 -9.02 13.94 -16.66
N TRP A 41 -9.06 13.22 -15.53
CA TRP A 41 -8.43 11.91 -15.43
C TRP A 41 -8.86 11.01 -16.56
N LEU A 42 -10.16 11.01 -16.84
CA LEU A 42 -10.75 10.15 -17.86
C LEU A 42 -10.27 10.49 -19.26
N THR A 43 -10.33 11.79 -19.59
CA THR A 43 -9.81 12.33 -20.84
C THR A 43 -8.37 11.84 -21.01
N GLU A 44 -7.58 11.96 -19.94
CA GLU A 44 -6.18 11.58 -19.99
C GLU A 44 -6.01 10.10 -20.29
N LEU A 45 -6.87 9.29 -19.68
CA LEU A 45 -6.83 7.86 -19.92
C LEU A 45 -7.27 7.57 -21.33
N ASP A 46 -8.19 8.38 -21.83
CA ASP A 46 -8.67 8.20 -23.19
C ASP A 46 -7.57 8.50 -24.21
N GLU A 47 -6.84 9.59 -24.02
CA GLU A 47 -5.71 9.92 -24.90
C GLU A 47 -4.61 8.87 -24.83
N LEU A 48 -4.42 8.28 -23.65
CA LEU A 48 -3.59 7.10 -23.51
C LEU A 48 -4.36 5.97 -24.15
N GLY A 49 -3.71 5.10 -24.90
CA GLY A 49 -4.45 4.00 -25.54
C GLY A 49 -5.17 3.02 -24.60
N PRO A 50 -5.87 2.03 -25.16
CA PRO A 50 -5.96 0.74 -24.46
C PRO A 50 -4.56 0.14 -24.39
N PRO A 51 -4.35 -0.87 -23.53
CA PRO A 51 -2.99 -1.41 -23.47
C PRO A 51 -2.64 -2.20 -24.71
N ALA A 52 -1.38 -2.08 -25.16
CA ALA A 52 -0.89 -2.83 -26.32
C ALA A 52 -0.99 -4.34 -26.11
N GLU A 53 -0.67 -4.82 -24.92
CA GLU A 53 -1.00 -6.19 -24.55
C GLU A 53 -2.41 -6.14 -23.95
N PRO A 54 -3.37 -6.91 -24.52
CA PRO A 54 -4.75 -6.73 -24.10
C PRO A 54 -4.97 -7.26 -22.68
N VAL A 55 -5.78 -6.54 -21.92
CA VAL A 55 -6.03 -6.85 -20.52
C VAL A 55 -6.90 -8.09 -20.38
N ARG A 56 -6.53 -8.97 -19.45
CA ARG A 56 -7.38 -10.11 -19.15
C ARG A 56 -7.35 -10.57 -17.69
N LEU A 57 -8.54 -10.65 -17.09
CA LEU A 57 -8.70 -11.17 -15.73
C LEU A 57 -8.70 -12.68 -15.74
N PRO A 58 -7.93 -13.31 -14.83
CA PRO A 58 -8.03 -14.76 -14.71
C PRO A 58 -9.37 -15.09 -14.07
N ARG A 59 -9.81 -16.33 -14.21
CA ARG A 59 -11.18 -16.68 -13.84
C ARG A 59 -11.30 -18.08 -13.27
N GLY A 60 -12.24 -18.27 -12.36
CA GLY A 60 -12.52 -19.59 -11.80
C GLY A 60 -11.41 -20.03 -10.88
N GLU A 61 -10.95 -21.28 -11.02
CA GLU A 61 -9.84 -21.74 -10.18
C GLU A 61 -8.59 -20.89 -10.41
N GLU A 62 -8.25 -20.66 -11.68
CA GLU A 62 -7.11 -19.82 -12.03
C GLU A 62 -7.09 -18.58 -11.12
N ALA A 63 -8.22 -17.87 -11.07
CA ALA A 63 -8.34 -16.66 -10.26
C ALA A 63 -8.26 -16.92 -8.77
N ARG A 64 -8.89 -18.00 -8.32
CA ARG A 64 -8.95 -18.27 -6.89
C ARG A 64 -7.58 -18.63 -6.37
N ASP A 65 -6.76 -19.26 -7.21
CA ASP A 65 -5.37 -19.64 -6.90
C ASP A 65 -4.48 -18.42 -6.76
N LEU A 66 -4.54 -17.56 -7.79
CA LEU A 66 -3.86 -16.28 -7.78
C LEU A 66 -4.21 -15.49 -6.52
N LEU A 67 -5.49 -15.25 -6.31
CA LEU A 67 -5.94 -14.48 -5.14
C LEU A 67 -5.43 -15.10 -3.86
N ARG A 68 -5.29 -16.41 -3.86
CA ARG A 68 -4.87 -17.13 -2.67
C ARG A 68 -3.37 -16.93 -2.51
N ARG A 69 -2.67 -16.93 -3.64
CA ARG A 69 -1.24 -16.68 -3.65
C ARG A 69 -0.96 -15.24 -3.22
N LEU A 70 -1.96 -14.38 -3.40
CA LEU A 70 -1.87 -13.00 -2.96
C LEU A 70 -2.48 -12.83 -1.58
N GLU A 71 -2.58 -13.93 -0.85
CA GLU A 71 -3.06 -13.90 0.54
C GLU A 71 -4.32 -13.07 0.78
N VAL A 72 -5.25 -13.06 -0.20
CA VAL A 72 -6.55 -12.43 -0.03
C VAL A 72 -7.43 -13.37 0.78
N PRO A 73 -8.09 -12.87 1.85
CA PRO A 73 -8.96 -13.73 2.68
C PRO A 73 -10.03 -14.41 1.83
N GLU A 74 -10.27 -15.69 2.12
CA GLU A 74 -11.20 -16.54 1.35
C GLU A 74 -12.59 -15.93 1.06
N LEU A 75 -13.22 -15.32 2.07
CA LEU A 75 -14.49 -14.62 1.87
C LEU A 75 -14.42 -13.58 0.74
N ASP A 76 -13.41 -12.70 0.77
CA ASP A 76 -13.30 -11.67 -0.27
C ASP A 76 -12.95 -12.31 -1.60
N ALA A 77 -12.09 -13.33 -1.58
CA ALA A 77 -11.74 -14.05 -2.80
C ALA A 77 -13.01 -14.55 -3.50
N GLU A 78 -13.91 -15.15 -2.73
CA GLU A 78 -15.23 -15.56 -3.20
C GLU A 78 -15.90 -14.40 -3.95
N GLU A 79 -16.31 -13.39 -3.18
CA GLU A 79 -17.00 -12.22 -3.73
C GLU A 79 -16.31 -11.64 -4.98
N ILE A 80 -14.98 -11.53 -4.92
CA ILE A 80 -14.17 -10.97 -6.01
C ILE A 80 -14.36 -11.72 -7.32
N VAL A 81 -14.08 -13.02 -7.31
CA VAL A 81 -14.24 -13.85 -8.49
C VAL A 81 -15.67 -13.77 -9.03
N ALA A 82 -16.64 -13.84 -8.13
CA ALA A 82 -18.06 -13.72 -8.49
C ALA A 82 -18.43 -12.42 -9.21
N ALA A 83 -17.94 -11.26 -8.75
CA ALA A 83 -18.31 -10.00 -9.41
C ALA A 83 -17.41 -9.59 -10.58
N ALA A 84 -16.45 -10.45 -10.91
CA ALA A 84 -15.44 -10.17 -11.93
C ALA A 84 -16.06 -9.67 -13.25
N PRO A 85 -15.73 -8.43 -13.68
CA PRO A 85 -16.29 -7.79 -14.88
C PRO A 85 -16.05 -8.57 -16.16
N ASP A 86 -16.97 -8.46 -17.12
CA ASP A 86 -16.82 -9.05 -18.45
C ASP A 86 -16.74 -7.93 -19.46
N PRO A 87 -15.88 -8.07 -20.48
CA PRO A 87 -15.70 -7.05 -21.53
C PRO A 87 -17.00 -6.66 -22.21
N ASP A 88 -17.85 -7.66 -22.46
CA ASP A 88 -19.13 -7.48 -23.13
C ASP A 88 -20.24 -7.08 -22.14
N ARG A 89 -20.24 -7.68 -20.96
CA ARG A 89 -21.29 -7.40 -19.97
C ARG A 89 -21.13 -6.07 -19.24
N ASP A 90 -19.89 -5.73 -18.90
CA ASP A 90 -19.67 -4.53 -18.11
C ASP A 90 -18.74 -3.61 -18.90
N PRO A 91 -19.28 -2.97 -19.95
CA PRO A 91 -18.40 -2.34 -20.93
C PRO A 91 -17.73 -1.06 -20.42
N ALA A 92 -18.39 -0.37 -19.49
CA ALA A 92 -17.82 0.83 -18.87
C ALA A 92 -16.66 0.41 -17.97
N LEU A 93 -16.94 -0.43 -16.98
CA LEU A 93 -15.91 -1.00 -16.12
C LEU A 93 -14.71 -1.45 -16.91
N TRP A 94 -14.95 -2.16 -18.01
CA TRP A 94 -13.86 -2.74 -18.77
C TRP A 94 -13.04 -1.72 -19.50
N TRP A 95 -13.65 -0.60 -19.82
CA TRP A 95 -12.96 0.45 -20.52
C TRP A 95 -12.01 1.12 -19.57
N LEU A 96 -12.48 1.32 -18.34
CA LEU A 96 -11.73 1.95 -17.26
C LEU A 96 -10.66 1.02 -16.74
N LEU A 97 -10.96 -0.27 -16.69
CA LEU A 97 -10.00 -1.26 -16.27
C LEU A 97 -8.79 -1.11 -17.15
N GLU A 98 -8.95 -1.45 -18.42
CA GLU A 98 -7.77 -1.54 -19.29
C GLU A 98 -6.98 -0.24 -19.37
N ARG A 99 -7.68 0.90 -19.34
CA ARG A 99 -6.98 2.17 -19.33
C ARG A 99 -6.27 2.45 -18.00
N THR A 100 -6.87 2.04 -16.88
CA THR A 100 -6.19 2.23 -15.59
C THR A 100 -4.93 1.35 -15.52
N HIS A 101 -5.05 0.10 -15.97
CA HIS A 101 -3.90 -0.80 -16.13
C HIS A 101 -2.83 -0.12 -16.95
N HIS A 102 -3.21 0.45 -18.09
CA HIS A 102 -2.24 1.09 -18.96
C HIS A 102 -1.53 2.23 -18.29
N ALA A 103 -2.32 3.11 -17.65
CA ALA A 103 -1.79 4.24 -16.90
C ALA A 103 -0.77 3.84 -15.82
N ILE A 104 -0.75 2.56 -15.47
CA ILE A 104 0.18 2.06 -14.48
C ILE A 104 1.39 1.46 -15.17
N VAL A 105 1.21 0.56 -16.13
CA VAL A 105 2.36 -0.08 -16.77
C VAL A 105 3.21 0.87 -17.61
N ARG A 106 2.59 1.91 -18.18
CA ARG A 106 3.36 2.95 -18.89
C ARG A 106 4.49 3.47 -18.00
N HIS A 107 4.28 3.45 -16.69
CA HIS A 107 5.27 3.88 -15.73
C HIS A 107 6.00 2.76 -15.01
N MET A 108 6.16 1.60 -15.64
CA MET A 108 6.83 0.48 -14.99
C MET A 108 8.28 0.86 -14.76
N GLY A 109 8.76 0.63 -13.53
CA GLY A 109 10.14 0.94 -13.13
C GLY A 109 10.36 2.39 -12.73
N ASP A 110 9.46 3.28 -13.14
CA ASP A 110 9.66 4.70 -12.94
C ASP A 110 9.09 5.17 -11.59
N HIS A 111 9.96 5.30 -10.60
CA HIS A 111 9.53 5.78 -9.28
C HIS A 111 9.35 7.26 -9.19
N ARG A 112 9.58 7.97 -10.29
CA ARG A 112 9.48 9.43 -10.29
C ARG A 112 8.05 9.85 -10.54
N ALA A 113 7.36 9.06 -11.36
CA ALA A 113 5.97 9.29 -11.75
C ALA A 113 5.07 9.34 -10.53
N LYS A 114 4.10 10.26 -10.53
CA LYS A 114 3.12 10.40 -9.44
C LYS A 114 2.26 9.13 -9.20
N PRO A 115 1.96 8.79 -7.93
CA PRO A 115 1.30 7.52 -7.62
C PRO A 115 -0.20 7.61 -7.88
N ARG A 116 -0.56 7.52 -9.16
CA ARG A 116 -1.91 7.81 -9.59
C ARG A 116 -2.54 6.54 -10.11
N GLY A 117 -3.46 5.99 -9.32
CA GLY A 117 -4.07 4.69 -9.58
C GLY A 117 -5.53 4.82 -9.92
N GLY A 118 -6.00 6.08 -9.99
CA GLY A 118 -7.37 6.38 -10.40
C GLY A 118 -8.31 6.43 -9.22
N PRO A 119 -9.51 7.03 -9.40
CA PRO A 119 -10.43 7.20 -8.28
C PRO A 119 -11.12 5.91 -7.88
N PRO A 120 -11.72 5.92 -6.68
CA PRO A 120 -12.58 4.81 -6.29
C PRO A 120 -13.93 4.95 -7.03
N LEU A 121 -14.59 3.82 -7.30
CA LEU A 121 -15.91 3.88 -7.88
C LEU A 121 -16.95 4.07 -6.78
N PRO A 122 -18.08 4.75 -7.08
CA PRO A 122 -19.07 4.91 -6.01
C PRO A 122 -19.66 3.56 -5.68
N TYR A 123 -19.92 3.35 -4.40
CA TYR A 123 -20.17 2.00 -3.90
C TYR A 123 -21.53 1.38 -4.27
N GLU A 124 -22.46 2.21 -4.75
CA GLU A 124 -23.80 1.73 -5.16
C GLU A 124 -23.88 1.15 -6.58
N GLY A 125 -22.77 1.13 -7.29
CA GLY A 125 -22.60 0.21 -8.44
C GLY A 125 -22.42 -1.15 -7.80
N GLY A 126 -22.14 -2.20 -8.58
CA GLY A 126 -22.03 -3.55 -8.01
C GLY A 126 -21.11 -3.76 -6.80
N ALA A 127 -20.90 -5.01 -6.43
CA ALA A 127 -19.71 -5.37 -5.67
C ALA A 127 -18.53 -5.08 -6.59
N ALA A 128 -18.70 -5.37 -7.88
CA ALA A 128 -17.68 -5.10 -8.91
C ALA A 128 -17.00 -3.73 -8.76
N ALA A 129 -17.76 -2.71 -8.39
CA ALA A 129 -17.25 -1.35 -8.23
C ALA A 129 -16.31 -1.25 -7.03
N ARG A 130 -16.71 -1.86 -5.91
CA ARG A 130 -15.90 -1.89 -4.71
C ARG A 130 -14.56 -2.62 -4.96
N TYR A 131 -14.59 -3.69 -5.72
CA TYR A 131 -13.38 -4.47 -6.00
C TYR A 131 -12.64 -4.04 -7.28
N PHE A 132 -13.06 -2.92 -7.86
CA PHE A 132 -12.49 -2.48 -9.12
C PHE A 132 -10.97 -2.55 -9.12
N HIS A 133 -10.36 -2.04 -8.05
CA HIS A 133 -8.90 -1.92 -8.05
C HIS A 133 -8.20 -3.19 -7.73
N VAL A 134 -8.93 -4.15 -7.16
CA VAL A 134 -8.41 -5.49 -7.08
C VAL A 134 -8.31 -6.02 -8.51
N TYR A 135 -9.26 -5.63 -9.36
CA TYR A 135 -9.22 -6.10 -10.75
C TYR A 135 -8.02 -5.49 -11.46
N VAL A 136 -7.87 -4.17 -11.32
CA VAL A 136 -6.65 -3.51 -11.80
C VAL A 136 -5.42 -4.30 -11.37
N PHE A 137 -5.29 -4.54 -10.06
CA PHE A 137 -4.18 -5.28 -9.51
C PHE A 137 -3.96 -6.61 -10.24
N LEU A 138 -4.99 -7.47 -10.26
CA LEU A 138 -4.85 -8.81 -10.83
C LEU A 138 -4.54 -8.76 -12.31
N ALA A 139 -5.09 -7.76 -12.99
CA ALA A 139 -4.83 -7.56 -14.40
C ALA A 139 -3.39 -7.14 -14.64
N THR A 140 -2.76 -6.54 -13.61
CA THR A 140 -1.41 -6.04 -13.76
C THR A 140 -0.33 -7.05 -13.30
N VAL A 141 -0.74 -8.08 -12.58
CA VAL A 141 0.24 -9.04 -12.04
C VAL A 141 1.19 -9.64 -13.10
N PRO A 142 0.66 -10.08 -14.25
CA PRO A 142 1.61 -10.70 -15.18
C PRO A 142 2.71 -9.73 -15.61
N ALA A 143 2.35 -8.48 -15.91
CA ALA A 143 3.31 -7.45 -16.37
C ALA A 143 4.43 -7.12 -15.37
N VAL A 144 4.07 -6.82 -14.12
CA VAL A 144 5.05 -6.49 -13.08
C VAL A 144 6.00 -7.65 -12.81
N ARG A 145 5.52 -8.87 -13.03
CA ARG A 145 6.31 -10.04 -12.75
C ARG A 145 7.28 -10.32 -13.89
N ARG A 146 6.91 -9.85 -15.09
CA ARG A 146 7.82 -9.85 -16.24
C ARG A 146 8.94 -8.88 -15.95
N PHE A 147 8.58 -7.74 -15.36
CA PHE A 147 9.56 -6.75 -14.94
C PHE A 147 10.48 -7.33 -13.86
N HIS A 148 9.91 -7.92 -12.82
CA HIS A 148 10.73 -8.58 -11.80
C HIS A 148 11.79 -9.44 -12.40
N ALA A 149 11.37 -10.18 -13.43
CA ALA A 149 12.22 -11.13 -14.14
C ALA A 149 13.37 -10.48 -14.92
N GLU A 150 13.10 -9.36 -15.61
CA GLU A 150 14.15 -8.60 -16.31
C GLU A 150 15.17 -8.08 -15.32
N ARG A 151 14.70 -7.60 -14.17
CA ARG A 151 15.59 -7.05 -13.16
C ARG A 151 16.29 -8.14 -12.34
N GLY A 152 16.03 -9.40 -12.67
CA GLY A 152 16.73 -10.52 -12.04
C GLY A 152 16.28 -10.79 -10.63
N ILE A 153 15.17 -10.19 -10.23
CA ILE A 153 14.65 -10.32 -8.88
C ILE A 153 14.12 -11.73 -8.63
N PRO A 154 14.47 -12.33 -7.48
CA PRO A 154 13.93 -13.66 -7.18
C PRO A 154 12.41 -13.65 -7.06
N ASP A 155 11.78 -14.68 -7.59
CA ASP A 155 10.32 -14.84 -7.58
C ASP A 155 9.80 -14.74 -6.16
N GLU A 156 10.37 -15.58 -5.29
CA GLU A 156 10.02 -15.56 -3.89
C GLU A 156 9.85 -14.13 -3.35
N VAL A 157 10.69 -13.20 -3.81
CA VAL A 157 10.61 -11.81 -3.34
C VAL A 157 9.50 -11.05 -4.04
N GLY A 158 9.44 -11.20 -5.37
CA GLY A 158 8.33 -10.64 -6.14
C GLY A 158 6.97 -11.00 -5.54
N TRP A 159 6.75 -12.29 -5.29
CA TRP A 159 5.48 -12.75 -4.74
C TRP A 159 5.24 -12.19 -3.36
N GLU A 160 6.21 -12.40 -2.46
CA GLU A 160 6.15 -11.84 -1.12
C GLU A 160 5.71 -10.36 -1.15
N THR A 161 6.25 -9.59 -2.08
CA THR A 161 5.93 -8.17 -2.17
C THR A 161 4.47 -7.95 -2.47
N LEU A 162 3.97 -8.71 -3.45
CA LEU A 162 2.60 -8.55 -3.97
C LEU A 162 1.51 -9.01 -3.00
N THR A 163 1.81 -10.04 -2.22
CA THR A 163 1.07 -10.41 -1.01
C THR A 163 0.28 -9.32 -0.30
N GLN A 164 0.83 -8.11 -0.23
CA GLN A 164 0.16 -7.08 0.56
C GLN A 164 -1.26 -6.72 0.07
N LEU A 165 -1.56 -7.00 -1.20
CA LEU A 165 -2.94 -6.89 -1.67
C LEU A 165 -3.93 -7.50 -0.66
N GLY A 166 -3.64 -8.74 -0.25
CA GLY A 166 -4.42 -9.44 0.77
C GLY A 166 -4.62 -8.63 2.05
N GLU A 167 -3.53 -8.08 2.55
CA GLU A 167 -3.58 -7.34 3.79
C GLU A 167 -4.50 -6.14 3.58
N LEU A 168 -4.38 -5.51 2.42
CA LEU A 168 -5.11 -4.28 2.14
C LEU A 168 -6.62 -4.58 2.01
N VAL A 169 -6.93 -5.68 1.32
CA VAL A 169 -8.30 -6.13 1.23
C VAL A 169 -8.86 -6.35 2.63
N ALA A 170 -8.19 -7.21 3.39
CA ALA A 170 -8.50 -7.42 4.81
C ALA A 170 -8.77 -6.10 5.58
N ILE A 171 -7.87 -5.15 5.45
CA ILE A 171 -7.97 -3.88 6.16
C ILE A 171 -9.28 -3.19 5.83
N HIS A 172 -9.64 -3.19 4.54
CA HIS A 172 -10.86 -2.55 4.06
C HIS A 172 -12.07 -3.14 4.75
N ARG A 173 -12.15 -4.47 4.77
CA ARG A 173 -13.25 -5.15 5.43
C ARG A 173 -13.28 -4.79 6.91
N ARG A 174 -12.14 -4.81 7.58
CA ARG A 174 -12.09 -4.43 8.97
C ARG A 174 -12.60 -2.99 9.17
N LYS A 175 -12.16 -2.07 8.32
CA LYS A 175 -12.49 -0.66 8.55
C LYS A 175 -13.90 -0.23 8.19
N TYR A 176 -14.56 -0.99 7.31
CA TYR A 176 -15.98 -0.75 6.99
C TYR A 176 -16.69 -2.11 6.95
N GLY A 177 -18.01 -2.13 6.83
CA GLY A 177 -18.72 -3.43 6.91
C GLY A 177 -18.36 -4.46 5.85
N GLN A 178 -17.88 -3.96 4.70
CA GLN A 178 -17.89 -4.70 3.43
C GLN A 178 -16.53 -4.80 2.75
N GLY A 179 -16.38 -5.75 1.83
CA GLY A 179 -15.16 -5.94 1.04
C GLY A 179 -14.83 -4.75 0.17
N GLY A 180 -13.58 -4.68 -0.26
CA GLY A 180 -13.09 -3.57 -1.08
C GLY A 180 -11.58 -3.41 -0.95
N MET A 181 -11.05 -2.34 -1.54
CA MET A 181 -9.61 -2.06 -1.53
C MET A 181 -9.43 -0.66 -2.07
N ASN A 182 -9.36 0.32 -1.18
CA ASN A 182 -9.34 1.75 -1.55
C ASN A 182 -7.98 2.39 -1.37
N MET A 183 -6.94 1.59 -1.50
CA MET A 183 -5.57 2.04 -1.26
C MET A 183 -4.80 1.88 -2.57
N GLN A 184 -5.50 2.17 -3.67
CA GLN A 184 -4.97 1.95 -5.01
C GLN A 184 -3.75 2.82 -5.31
N TRP A 185 -3.65 3.98 -4.65
CA TRP A 185 -2.51 4.86 -4.85
C TRP A 185 -1.26 4.16 -4.39
N TRP A 186 -1.36 3.50 -3.25
CA TRP A 186 -0.27 2.76 -2.68
C TRP A 186 0.12 1.57 -3.55
N THR A 187 -0.87 0.87 -4.11
CA THR A 187 -0.57 -0.35 -4.90
C THR A 187 0.12 -0.09 -6.24
N THR A 188 0.17 1.19 -6.64
CA THR A 188 0.94 1.60 -7.84
C THR A 188 2.41 1.37 -7.59
N TYR A 189 2.81 1.48 -6.32
CA TYR A 189 4.16 1.17 -5.93
C TYR A 189 4.48 -0.27 -6.26
N HIS A 190 3.70 -1.20 -5.71
CA HIS A 190 3.93 -2.63 -5.98
C HIS A 190 3.88 -2.92 -7.44
N LEU A 191 2.87 -2.36 -8.09
CA LEU A 191 2.60 -2.69 -9.48
C LEU A 191 3.62 -2.10 -10.44
N ARG A 192 4.18 -0.94 -10.10
CA ARG A 192 5.24 -0.32 -10.92
C ARG A 192 6.63 -0.96 -10.75
N GLY A 193 6.76 -1.87 -9.80
CA GLY A 193 8.02 -2.60 -9.59
C GLY A 193 9.04 -1.73 -8.89
N ILE A 194 8.53 -0.70 -8.19
CA ILE A 194 9.36 0.20 -7.41
C ILE A 194 9.26 -0.04 -5.88
N LEU A 195 8.82 -1.22 -5.48
CA LEU A 195 8.69 -1.51 -4.05
C LEU A 195 8.94 -2.98 -3.85
N TYR A 196 9.69 -3.33 -2.81
CA TYR A 196 10.04 -4.72 -2.59
C TYR A 196 10.01 -5.05 -1.12
N ARG A 197 9.53 -6.25 -0.83
CA ARG A 197 9.49 -6.68 0.53
C ARG A 197 10.65 -7.64 0.77
N LEU A 198 11.60 -7.18 1.58
CA LEU A 198 12.79 -7.96 1.89
C LEU A 198 12.67 -8.33 3.35
N GLY A 199 12.27 -9.56 3.64
CA GLY A 199 12.02 -9.98 5.01
C GLY A 199 10.78 -9.30 5.57
N ARG A 200 10.89 -8.79 6.78
CA ARG A 200 9.75 -8.19 7.46
C ARG A 200 9.40 -6.79 6.95
N LEU A 201 10.33 -6.14 6.26
CA LEU A 201 10.18 -4.73 5.86
C LEU A 201 10.11 -4.49 4.37
N GLN A 202 9.55 -3.34 4.00
CA GLN A 202 9.40 -2.97 2.59
C GLN A 202 10.33 -1.81 2.24
N PHE A 203 10.89 -1.83 1.03
CA PHE A 203 11.71 -0.72 0.60
C PHE A 203 11.25 -0.22 -0.76
N SER A 204 11.17 1.10 -0.90
CA SER A 204 10.80 1.71 -2.18
C SER A 204 11.89 2.61 -2.70
N LEU A 205 12.17 2.53 -4.00
CA LEU A 205 13.00 3.49 -4.70
C LEU A 205 12.40 4.87 -4.55
N ALA A 206 13.23 5.87 -4.28
CA ALA A 206 12.76 7.22 -4.12
C ALA A 206 13.92 8.18 -4.43
N THR A 207 13.60 9.35 -5.00
CA THR A 207 14.52 10.47 -4.97
C THR A 207 13.85 11.68 -4.31
N GLY A 208 14.63 12.46 -3.57
CA GLY A 208 14.14 13.67 -2.92
C GLY A 208 13.77 14.75 -3.92
N LYS A 209 13.19 15.83 -3.43
CA LYS A 209 12.85 17.00 -4.26
C LYS A 209 14.11 17.58 -4.95
N ASP A 210 15.29 17.26 -4.43
CA ASP A 210 16.56 17.81 -4.92
C ASP A 210 17.31 16.90 -5.89
N GLY A 211 16.86 15.65 -6.02
CA GLY A 211 17.54 14.68 -6.88
C GLY A 211 18.24 13.56 -6.12
N THR A 212 18.44 13.73 -4.81
CA THR A 212 19.13 12.73 -3.98
C THR A 212 18.37 11.38 -3.87
N PRO A 213 19.03 10.30 -4.31
CA PRO A 213 18.43 8.96 -4.32
C PRO A 213 18.41 8.36 -2.93
N HIS A 214 17.27 7.83 -2.53
CA HIS A 214 17.15 7.10 -1.25
C HIS A 214 16.19 5.96 -1.30
N LEU A 215 15.90 5.37 -0.14
CA LEU A 215 14.86 4.38 0.01
C LEU A 215 13.82 4.87 1.00
N GLY A 216 12.56 4.53 0.75
CA GLY A 216 11.52 4.64 1.74
C GLY A 216 11.43 3.29 2.43
N LEU A 217 11.27 3.33 3.74
CA LEU A 217 11.11 2.12 4.52
C LEU A 217 9.68 2.11 5.04
N HIS A 218 8.99 1.01 4.78
CA HIS A 218 7.59 0.88 5.20
C HIS A 218 7.39 -0.44 5.86
N VAL A 219 6.40 -0.47 6.76
CA VAL A 219 6.12 -1.63 7.57
C VAL A 219 4.76 -2.27 7.20
N PRO A 220 4.80 -3.39 6.45
CA PRO A 220 3.61 -4.12 6.07
C PRO A 220 3.08 -4.92 7.25
N GLU A 221 1.97 -5.61 7.04
CA GLU A 221 1.18 -6.30 8.07
C GLU A 221 0.64 -5.33 9.08
N TRP A 222 1.33 -4.21 9.24
CA TRP A 222 1.14 -3.27 10.36
C TRP A 222 1.07 -4.05 11.67
N GLY A 223 0.14 -3.72 12.56
CA GLY A 223 -0.09 -4.43 13.85
C GLY A 223 0.78 -5.55 14.43
N GLY A 224 1.22 -6.50 13.59
CA GLY A 224 1.88 -7.75 14.01
C GLY A 224 3.36 -7.73 14.45
N PRO A 225 3.89 -8.92 14.83
CA PRO A 225 5.24 -9.15 15.39
C PRO A 225 6.40 -8.49 14.66
N LEU A 226 6.72 -7.28 15.10
CA LEU A 226 7.80 -6.50 14.49
C LEU A 226 9.05 -6.62 15.33
N LEU A 227 9.86 -7.62 15.06
CA LEU A 227 10.97 -7.88 15.98
C LEU A 227 12.28 -7.22 15.57
N PRO A 228 13.06 -6.80 16.58
CA PRO A 228 14.36 -6.19 16.34
C PRO A 228 15.22 -7.01 15.39
N LYS A 229 15.30 -8.33 15.58
CA LYS A 229 16.15 -9.15 14.72
C LYS A 229 15.64 -9.20 13.28
N ALA A 230 14.33 -9.25 13.13
CA ALA A 230 13.72 -9.24 11.81
C ALA A 230 14.04 -7.89 11.16
N TYR A 231 13.88 -6.83 11.94
CA TYR A 231 14.07 -5.47 11.47
C TYR A 231 15.50 -5.30 10.99
N ASP A 232 16.45 -5.73 11.84
CA ASP A 232 17.88 -5.75 11.52
C ASP A 232 18.18 -6.50 10.19
N GLU A 233 17.64 -7.72 10.07
CA GLU A 233 17.78 -8.52 8.85
C GLU A 233 17.38 -7.77 7.60
N SER A 234 16.21 -7.12 7.60
CA SER A 234 15.75 -6.40 6.41
C SER A 234 16.74 -5.30 6.07
N LEU A 235 17.11 -4.52 7.08
CA LEU A 235 18.06 -3.46 6.88
C LEU A 235 19.37 -3.97 6.30
N HIS A 236 19.77 -5.19 6.64
CA HIS A 236 21.00 -5.71 6.06
C HIS A 236 20.90 -6.21 4.66
N ARG A 237 19.68 -6.27 4.12
CA ARG A 237 19.44 -6.76 2.76
C ARG A 237 19.24 -5.62 1.78
N ALA A 238 18.63 -4.54 2.27
CA ALA A 238 18.26 -3.41 1.43
C ALA A 238 19.34 -3.00 0.43
N ARG A 239 20.53 -2.70 0.91
CA ARG A 239 21.53 -2.15 0.00
C ARG A 239 22.05 -3.14 -1.06
N PRO A 240 22.56 -4.34 -0.64
CA PRO A 240 23.04 -5.22 -1.72
C PRO A 240 21.95 -5.50 -2.74
N PHE A 241 20.70 -5.60 -2.26
CA PHE A 241 19.55 -5.89 -3.12
C PHE A 241 19.32 -4.82 -4.17
N PHE A 242 19.26 -3.56 -3.75
CA PHE A 242 19.09 -2.50 -4.74
C PHE A 242 20.33 -2.23 -5.56
N ASP A 243 21.50 -2.50 -4.99
CA ASP A 243 22.69 -2.40 -5.78
C ASP A 243 22.62 -3.42 -6.92
N ARG A 244 22.34 -4.68 -6.59
CA ARG A 244 22.19 -5.78 -7.57
C ARG A 244 21.18 -5.54 -8.69
N HIS A 245 19.98 -5.10 -8.33
CA HIS A 245 18.86 -5.05 -9.28
C HIS A 245 18.60 -3.69 -9.85
N PHE A 246 19.08 -2.66 -9.17
CA PHE A 246 18.99 -1.28 -9.66
C PHE A 246 20.31 -0.57 -9.39
N PRO A 247 21.41 -0.99 -10.06
CA PRO A 247 22.64 -0.22 -9.90
C PRO A 247 22.43 1.08 -10.68
N GLU A 248 23.05 2.17 -10.22
CA GLU A 248 22.45 3.48 -10.45
C GLU A 248 21.36 3.56 -9.40
N HIS A 249 20.61 4.64 -9.40
CA HIS A 249 19.89 5.02 -8.21
C HIS A 249 20.86 5.21 -7.05
N GLY A 250 21.36 4.11 -6.49
CA GLY A 250 22.47 4.15 -5.52
C GLY A 250 22.20 4.79 -4.17
N ALA A 251 21.06 4.46 -3.57
CA ALA A 251 20.69 4.99 -2.26
C ALA A 251 21.62 4.46 -1.18
N ARG A 252 21.75 5.20 -0.09
CA ARG A 252 22.59 4.74 1.02
C ARG A 252 21.88 4.91 2.37
N VAL A 253 20.79 5.66 2.36
CA VAL A 253 19.96 5.83 3.56
C VAL A 253 18.50 5.46 3.29
N ALA A 254 17.71 5.38 4.35
CA ALA A 254 16.29 5.13 4.20
C ALA A 254 15.54 6.09 5.07
N TRP A 255 14.57 6.79 4.49
CA TRP A 255 13.75 7.73 5.25
C TRP A 255 12.47 7.11 5.73
N GLY A 256 11.78 7.76 6.67
CA GLY A 256 10.54 7.22 7.20
C GLY A 256 9.99 7.97 8.40
N SER A 257 8.68 7.89 8.62
CA SER A 257 8.05 8.50 9.79
C SER A 257 7.13 7.48 10.42
N SER A 258 7.05 7.54 11.75
CA SER A 258 6.31 6.57 12.53
C SER A 258 6.11 7.14 13.95
N TRP A 259 5.11 6.61 14.65
CA TRP A 259 4.96 6.96 16.05
C TRP A 259 6.07 6.29 16.81
N MET A 260 6.64 5.23 16.23
CA MET A 260 7.72 4.49 16.88
C MET A 260 8.93 5.37 17.17
N LEU A 261 9.19 6.32 16.27
CA LEU A 261 10.30 7.26 16.44
C LEU A 261 10.05 8.35 17.48
N ASP A 262 8.85 8.39 18.06
CA ASP A 262 8.51 9.41 19.04
C ASP A 262 9.25 9.16 20.35
N PRO A 263 10.12 10.10 20.73
CA PRO A 263 10.88 10.02 21.98
C PRO A 263 9.95 9.98 23.18
N GLN A 264 8.73 10.48 23.05
CA GLN A 264 7.84 10.48 24.19
C GLN A 264 7.69 9.06 24.75
N LEU A 265 7.78 8.07 23.87
CA LEU A 265 7.77 6.66 24.29
C LEU A 265 8.78 6.39 25.39
N GLU A 266 9.93 7.06 25.31
CA GLU A 266 10.97 6.86 26.29
C GLU A 266 10.55 7.17 27.71
N GLU A 267 9.52 8.00 27.87
CA GLU A 267 9.04 8.32 29.22
C GLU A 267 8.44 7.12 29.92
N TYR A 268 8.13 6.06 29.19
CA TYR A 268 7.47 4.89 29.77
C TYR A 268 8.24 3.62 29.58
N LEU A 269 9.02 3.59 28.50
CA LEU A 269 9.70 2.38 28.07
C LEU A 269 11.21 2.50 28.14
N THR A 270 11.80 1.57 28.87
CA THR A 270 13.26 1.47 29.03
C THR A 270 13.94 1.06 27.71
N GLU A 271 15.28 1.18 27.61
CA GLU A 271 15.96 1.10 26.30
C GLU A 271 15.93 -0.28 25.61
N ASP A 272 15.56 -1.32 26.35
CA ASP A 272 15.51 -2.68 25.81
C ASP A 272 14.10 -3.13 25.41
N SER A 273 13.14 -2.21 25.49
CA SER A 273 11.81 -2.49 25.01
C SER A 273 11.90 -2.67 23.51
N ASN A 274 11.02 -3.52 23.00
CA ASN A 274 10.94 -3.78 21.58
C ASN A 274 10.97 -2.55 20.69
N ILE A 275 10.07 -1.61 20.97
CA ILE A 275 9.92 -0.41 20.16
C ILE A 275 11.15 0.50 20.27
N ILE A 276 11.70 0.61 21.47
CA ILE A 276 12.84 1.48 21.65
C ILE A 276 14.06 0.94 20.90
N GLN A 277 14.26 -0.37 20.94
CA GLN A 277 15.33 -0.94 20.13
C GLN A 277 15.17 -0.57 18.66
N LEU A 278 13.94 -0.61 18.16
CA LEU A 278 13.67 -0.24 16.77
C LEU A 278 14.05 1.20 16.52
N ALA A 279 13.66 2.08 17.46
CA ALA A 279 13.88 3.51 17.31
C ALA A 279 15.37 3.83 17.24
N ARG A 280 16.17 3.09 18.02
CA ARG A 280 17.63 3.25 18.00
C ARG A 280 18.26 3.21 16.63
N PHE A 281 17.61 2.53 15.68
CA PHE A 281 18.20 2.36 14.36
C PHE A 281 18.23 3.69 13.66
N TRP A 282 17.48 4.64 14.21
CA TRP A 282 17.10 5.86 13.50
C TRP A 282 17.77 7.11 13.96
N THR A 283 18.12 7.93 12.99
CA THR A 283 18.58 9.26 13.27
C THR A 283 17.45 10.26 13.00
N LEU A 284 16.78 10.72 14.06
CA LEU A 284 15.78 11.80 13.94
C LEU A 284 16.30 13.04 13.21
N THR A 285 15.42 13.74 12.50
CA THR A 285 15.79 14.97 11.78
C THR A 285 14.81 16.13 11.94
N ASP A 286 13.65 15.86 12.51
CA ASP A 286 12.65 16.91 12.76
C ASP A 286 12.71 17.32 14.23
N SER A 287 11.91 18.30 14.64
CA SER A 287 11.78 18.59 16.08
C SER A 287 10.34 18.51 16.54
N ALA A 288 10.15 18.37 17.85
CA ALA A 288 8.82 18.17 18.45
C ALA A 288 7.81 19.13 17.82
N PRO A 289 6.59 18.65 17.56
CA PRO A 289 5.65 19.56 16.92
C PRO A 289 4.96 20.49 17.92
N GLU A 290 4.44 21.61 17.41
CA GLU A 290 3.64 22.61 18.13
C GLU A 290 2.64 21.94 19.08
N PRO A 291 2.59 22.39 20.34
CA PRO A 291 1.91 21.63 21.40
C PRO A 291 0.47 21.24 21.04
N GLY A 292 0.05 20.06 21.49
CA GLY A 292 -1.30 19.57 21.19
C GLY A 292 -1.51 18.97 19.80
N ASN A 293 -0.41 18.66 19.10
CA ASN A 293 -0.48 17.86 17.87
C ASN A 293 -0.70 16.38 18.20
N ALA A 294 -1.59 15.74 17.45
CA ALA A 294 -1.94 14.35 17.72
C ALA A 294 -1.80 13.47 16.47
N ASP A 295 -0.93 13.90 15.56
CA ASP A 295 -0.66 13.18 14.30
C ASP A 295 -0.27 11.70 14.48
N GLY A 296 0.12 11.32 15.70
CA GLY A 296 0.50 9.94 15.99
C GLY A 296 -0.64 9.10 16.53
N ASP A 297 -1.62 9.76 17.15
CA ASP A 297 -2.72 9.08 17.83
C ASP A 297 -3.36 7.94 17.04
N SER A 298 -3.71 8.18 15.78
CA SER A 298 -4.51 7.19 15.09
C SER A 298 -3.72 5.96 14.62
N SER A 299 -2.45 6.15 14.28
CA SER A 299 -1.67 5.00 13.82
C SER A 299 -1.04 4.22 14.97
N ILE A 300 -0.70 4.88 16.06
CA ILE A 300 -0.25 4.13 17.22
C ILE A 300 -1.40 3.23 17.69
N LEU A 301 -2.61 3.78 17.69
CA LEU A 301 -3.77 3.04 18.18
C LEU A 301 -4.14 1.92 17.25
N GLU A 302 -3.97 2.15 15.95
CA GLU A 302 -4.26 1.12 14.97
C GLU A 302 -3.32 -0.06 15.18
N PHE A 303 -2.02 0.24 15.23
CA PHE A 303 -0.96 -0.76 15.43
C PHE A 303 -1.15 -1.59 16.71
N VAL A 304 -1.35 -0.92 17.84
CA VAL A 304 -1.32 -1.62 19.09
C VAL A 304 -2.60 -2.43 19.42
N PHE A 305 -3.77 -1.88 19.13
CA PHE A 305 -5.01 -2.65 19.29
C PHE A 305 -5.87 -2.24 18.12
N ARG A 306 -5.93 -3.06 17.08
CA ARG A 306 -6.76 -2.67 15.94
C ARG A 306 -8.05 -2.01 16.47
N TYR A 307 -8.18 -0.74 16.16
CA TYR A 307 -9.10 0.18 16.80
C TYR A 307 -9.66 0.87 15.57
N ASN A 308 -10.98 1.05 15.37
CA ASN A 308 -12.19 0.65 16.15
C ASN A 308 -13.03 1.79 16.78
N GLY A 309 -12.67 2.24 17.98
CA GLY A 309 -13.27 3.47 18.51
C GLY A 309 -13.76 3.45 19.94
N GLN A 310 -13.70 2.29 20.59
CA GLN A 310 -14.22 2.15 21.96
C GLN A 310 -13.52 3.05 22.99
N PRO A 311 -14.17 3.26 24.16
CA PRO A 311 -13.52 3.94 25.28
C PRO A 311 -12.14 3.37 25.58
N LEU A 312 -11.22 4.24 25.97
CA LEU A 312 -9.83 3.85 26.15
C LEU A 312 -9.62 2.78 27.21
N ASP A 313 -10.32 2.88 28.34
CA ASP A 313 -10.15 1.91 29.41
C ASP A 313 -10.87 0.57 29.18
N GLU A 314 -11.48 0.40 28.00
CA GLU A 314 -11.98 -0.91 27.58
C GLU A 314 -10.86 -1.76 27.00
N LEU A 315 -9.88 -1.09 26.39
CA LEU A 315 -8.74 -1.72 25.72
C LEU A 315 -7.89 -2.59 26.66
N PRO A 316 -7.30 -3.69 26.12
CA PRO A 316 -6.44 -4.55 26.94
C PRO A 316 -5.16 -3.87 27.41
N GLN A 317 -4.68 -4.35 28.56
CA GLN A 317 -3.45 -3.86 29.16
C GLN A 317 -2.57 -5.08 29.39
N ARG A 318 -2.03 -5.63 28.31
CA ARG A 318 -1.30 -6.89 28.41
C ARG A 318 0.24 -6.82 28.12
N SER A 319 0.77 -5.61 28.01
CA SER A 319 2.21 -5.37 27.84
C SER A 319 2.63 -3.97 28.29
N SER A 320 3.92 -3.77 28.53
CA SER A 320 4.44 -2.43 28.77
C SER A 320 4.02 -1.47 27.71
N LEU A 321 4.22 -1.83 26.44
CA LEU A 321 3.79 -0.97 25.34
C LEU A 321 2.31 -0.61 25.46
N GLU A 322 1.48 -1.64 25.61
CA GLU A 322 0.04 -1.44 25.68
C GLU A 322 -0.36 -0.54 26.83
N ARG A 323 0.38 -0.64 27.93
CA ARG A 323 0.05 0.13 29.09
C ARG A 323 0.52 1.55 28.89
N ALA A 324 1.62 1.71 28.16
CA ALA A 324 2.19 3.02 27.92
C ALA A 324 1.35 3.83 26.95
N VAL A 325 0.78 3.17 25.93
CA VAL A 325 0.01 3.88 24.93
C VAL A 325 -1.16 4.56 25.60
N ILE A 326 -1.91 3.82 26.41
CA ILE A 326 -3.11 4.40 26.98
C ILE A 326 -2.89 5.29 28.22
N ALA A 327 -1.77 5.12 28.93
CA ALA A 327 -1.46 5.98 30.09
C ALA A 327 -1.25 7.42 29.63
N HIS A 328 -0.63 7.56 28.47
CA HIS A 328 -0.26 8.84 27.89
C HIS A 328 -1.46 9.59 27.39
N LEU A 329 -2.43 8.87 26.82
CA LEU A 329 -3.62 9.52 26.31
C LEU A 329 -4.54 9.92 27.48
N LYS A 330 -4.50 9.13 28.56
CA LYS A 330 -5.24 9.44 29.78
C LYS A 330 -4.74 10.71 30.43
N ALA A 331 -3.42 10.84 30.56
CA ALA A 331 -2.82 12.07 31.05
C ALA A 331 -3.05 13.21 30.04
N GLY A 332 -3.98 12.99 29.12
CA GLY A 332 -4.39 13.99 28.13
C GLY A 332 -3.35 14.47 27.12
N ARG A 333 -2.26 13.72 26.95
CA ARG A 333 -1.26 14.05 25.93
C ARG A 333 -1.51 13.26 24.67
N HIS A 334 -0.67 13.51 23.67
CA HIS A 334 -0.87 12.91 22.34
C HIS A 334 0.40 12.38 21.73
N TRP A 335 0.26 11.39 20.86
CA TRP A 335 1.41 10.77 20.24
C TRP A 335 1.76 11.49 18.97
N HIS A 336 3.05 11.55 18.68
CA HIS A 336 3.52 12.30 17.52
C HIS A 336 4.02 11.41 16.45
N MET A 337 4.15 11.97 15.26
CA MET A 337 4.65 11.26 14.12
C MET A 337 5.99 11.89 13.76
N ARG A 338 7.08 11.24 14.18
CA ARG A 338 8.44 11.75 13.99
C ARG A 338 9.16 11.14 12.79
N THR A 339 10.09 11.91 12.23
CA THR A 339 10.74 11.59 10.95
C THR A 339 12.26 11.50 11.09
N GLY A 340 12.89 10.72 10.23
CA GLY A 340 14.33 10.55 10.27
C GLY A 340 14.80 9.58 9.20
N PHE A 341 16.11 9.32 9.20
CA PHE A 341 16.68 8.38 8.26
C PHE A 341 17.56 7.40 9.02
N VAL A 342 17.92 6.34 8.32
CA VAL A 342 18.80 5.34 8.88
C VAL A 342 19.76 5.00 7.77
N LYS A 343 21.05 5.09 8.10
CA LYS A 343 22.10 4.79 7.13
C LYS A 343 22.11 3.29 6.89
N LEU A 344 21.98 2.89 5.63
CA LEU A 344 21.92 1.44 5.37
C LEU A 344 23.29 0.84 5.50
N PRO A 345 23.37 -0.29 6.21
CA PRO A 345 24.53 -1.20 6.23
C PRO A 345 24.99 -1.54 4.81
#